data_6YQ2
#
_entry.id   6YQ2
#
_cell.length_a   82.781
_cell.length_b   112.095
_cell.length_c   62.619
_cell.angle_alpha   90.000
_cell.angle_beta   90.000
_cell.angle_gamma   90.000
#
_symmetry.space_group_name_H-M   'C 2 2 21'
#
loop_
_entity.id
_entity.type
_entity.pdbx_description
1 polymer '14-3-3 protein sigma'
2 polymer p65pS45
3 non-polymer 4-[(2~{R},6~{S})-2,6-dimethylmorpholin-4-yl]sulfonylbenzaldehyde
4 water water
#
loop_
_entity_poly.entity_id
_entity_poly.type
_entity_poly.pdbx_seq_one_letter_code
_entity_poly.pdbx_strand_id
1 'polypeptide(L)'
;GAMGSMERASLIQKAKLAEQAERYEDMAAFMKGAVEKGEELS(CSO)EERNLLSVAYKNVVGGQRAAWRVLSSIEQKSNE
EGSEEKGPEVREYREKVETELQGVCDTVLGLLDSHLIKEAGDAESRVFYLKMKGDYYRYLAEVATGDDKKRIIDSARSAY
QEAMDISKKEMPPTNPIRLGLALNFSVFHYEIANSPEEAISLAKTTFDEAMADLHTLSEDSYKDSTLIMQLLRDNLTLWT
;
A
2 'polypeptide(L)' EGRSAG(SEP)IPGRRS P
#
loop_
_chem_comp.id
_chem_comp.type
_chem_comp.name
_chem_comp.formula
P7T non-polymer 4-[(2~{R},6~{S})-2,6-dimethylmorpholin-4-yl]sulfonylbenzaldehyde 'C13 H17 N O4 S'
#
# COMPACT_ATOMS: atom_id res chain seq x y z
N GLY A 1 7.55 21.73 7.21
CA GLY A 1 7.57 21.12 8.53
C GLY A 1 8.98 20.94 9.07
N ALA A 2 9.26 19.74 9.58
CA ALA A 2 10.60 19.44 10.09
C ALA A 2 11.64 19.53 8.97
N MET A 3 11.23 19.29 7.72
CA MET A 3 12.12 19.36 6.58
C MET A 3 11.95 20.65 5.79
N GLY A 4 11.29 21.65 6.37
CA GLY A 4 10.95 22.84 5.61
C GLY A 4 12.14 23.64 5.11
N SER A 5 13.29 23.54 5.77
N SER A 5 13.30 23.52 5.76
CA SER A 5 14.46 24.30 5.32
CA SER A 5 14.48 24.26 5.36
C SER A 5 15.33 23.56 4.32
C SER A 5 15.31 23.56 4.30
N MET A 6 15.02 22.31 3.98
CA MET A 6 15.81 21.57 3.01
C MET A 6 15.18 21.66 1.63
N GLU A 7 16.03 21.82 0.61
CA GLU A 7 15.56 21.88 -0.77
C GLU A 7 14.84 20.60 -1.16
N ARG A 8 13.80 20.74 -1.99
CA ARG A 8 13.10 19.57 -2.51
C ARG A 8 14.07 18.56 -3.12
N ALA A 9 14.99 19.02 -3.98
CA ALA A 9 15.85 18.07 -4.68
C ALA A 9 16.77 17.35 -3.70
N SER A 10 17.18 18.04 -2.63
CA SER A 10 18.02 17.41 -1.60
C SER A 10 17.25 16.37 -0.80
N LEU A 11 15.97 16.63 -0.52
CA LEU A 11 15.14 15.63 0.14
C LEU A 11 15.00 14.37 -0.72
N ILE A 12 14.80 14.56 -2.02
CA ILE A 12 14.69 13.40 -2.91
C ILE A 12 16.00 12.63 -2.97
N GLN A 13 17.13 13.36 -3.09
CA GLN A 13 18.43 12.69 -3.11
C GLN A 13 18.67 11.90 -1.82
N LYS A 14 18.34 12.51 -0.67
CA LYS A 14 18.53 11.83 0.60
C LYS A 14 17.57 10.65 0.77
N ALA A 15 16.35 10.73 0.21
CA ALA A 15 15.48 9.56 0.27
C ALA A 15 16.11 8.39 -0.47
N LYS A 16 16.76 8.67 -1.61
CA LYS A 16 17.41 7.59 -2.35
C LYS A 16 18.57 7.00 -1.58
N LEU A 17 19.34 7.86 -0.90
CA LEU A 17 20.43 7.38 -0.05
C LEU A 17 19.92 6.55 1.11
N ALA A 18 18.84 7.04 1.76
CA ALA A 18 18.26 6.30 2.87
C ALA A 18 17.77 4.93 2.41
N GLU A 19 17.18 4.85 1.22
CA GLU A 19 16.81 3.53 0.71
C GLU A 19 18.01 2.62 0.60
N GLN A 20 19.12 3.13 0.04
CA GLN A 20 20.30 2.30 -0.13
C GLN A 20 20.84 1.84 1.21
N ALA A 21 20.72 2.69 2.24
CA ALA A 21 21.17 2.36 3.58
C ALA A 21 20.14 1.59 4.40
N GLU A 22 19.00 1.26 3.79
CA GLU A 22 17.90 0.58 4.47
C GLU A 22 17.42 1.32 5.72
N ARG A 23 17.38 2.64 5.62
CA ARG A 23 16.93 3.53 6.67
C ARG A 23 15.56 4.05 6.26
N TYR A 24 14.55 3.20 6.42
CA TYR A 24 13.24 3.50 5.85
C TYR A 24 12.48 4.57 6.60
N GLU A 25 12.65 4.67 7.92
N GLU A 25 12.66 4.66 7.92
CA GLU A 25 12.05 5.77 8.66
CA GLU A 25 12.06 5.76 8.67
C GLU A 25 12.58 7.11 8.16
C GLU A 25 12.59 7.10 8.17
N ASP A 26 13.91 7.21 7.98
CA ASP A 26 14.48 8.43 7.41
C ASP A 26 13.94 8.66 6.00
N MET A 27 13.89 7.61 5.19
CA MET A 27 13.38 7.73 3.83
C MET A 27 11.98 8.32 3.82
N ALA A 28 11.11 7.83 4.72
CA ALA A 28 9.75 8.31 4.75
C ALA A 28 9.69 9.76 5.19
N ALA A 29 10.53 10.14 6.16
CA ALA A 29 10.54 11.54 6.59
C ALA A 29 11.02 12.46 5.48
N PHE A 30 12.04 12.05 4.70
CA PHE A 30 12.48 12.86 3.57
C PHE A 30 11.39 12.98 2.53
N MET A 31 10.70 11.88 2.22
CA MET A 31 9.64 11.95 1.21
C MET A 31 8.43 12.75 1.70
N LYS A 32 8.07 12.67 2.99
CA LYS A 32 7.04 13.54 3.54
C LYS A 32 7.41 15.00 3.33
N GLY A 33 8.67 15.35 3.65
CA GLY A 33 9.14 16.70 3.41
C GLY A 33 9.02 17.10 1.94
N ALA A 34 9.38 16.19 1.03
CA ALA A 34 9.25 16.49 -0.39
C ALA A 34 7.80 16.74 -0.78
N VAL A 35 6.88 15.88 -0.33
CA VAL A 35 5.45 16.09 -0.64
C VAL A 35 5.00 17.45 -0.13
N GLU A 36 5.42 17.81 1.08
CA GLU A 36 4.96 19.05 1.68
C GLU A 36 5.52 20.29 1.00
N LYS A 37 6.45 20.14 0.06
CA LYS A 37 6.83 21.29 -0.76
C LYS A 37 5.69 21.76 -1.65
N GLY A 38 4.68 20.91 -1.89
CA GLY A 38 3.49 21.33 -2.58
C GLY A 38 3.45 21.04 -4.07
N GLU A 39 4.56 20.59 -4.66
CA GLU A 39 4.58 20.23 -6.06
C GLU A 39 4.11 18.79 -6.25
N GLU A 40 3.55 18.50 -7.42
CA GLU A 40 3.23 17.13 -7.78
C GLU A 40 4.50 16.28 -7.79
N LEU A 41 4.33 14.95 -7.68
CA LEU A 41 5.44 14.00 -7.68
C LEU A 41 5.54 13.31 -9.04
N SER A 42 6.76 13.13 -9.51
CA SER A 42 6.99 12.30 -10.70
C SER A 42 6.75 10.81 -10.41
N CSO A 43 6.81 9.98 -11.45
CA CSO A 43 6.64 8.55 -11.26
CB CSO A 43 6.76 7.89 -12.65
SG CSO A 43 6.64 6.10 -12.61
C CSO A 43 7.67 8.00 -10.27
O CSO A 43 7.33 7.27 -9.33
OD CSO A 43 8.27 5.44 -12.26
N GLU A 44 8.93 8.36 -10.46
CA GLU A 44 9.99 7.85 -9.60
C GLU A 44 9.79 8.33 -8.15
N GLU A 45 9.38 9.60 -8.00
CA GLU A 45 9.16 10.14 -6.66
C GLU A 45 7.97 9.47 -5.97
N ARG A 46 6.91 9.15 -6.72
CA ARG A 46 5.79 8.42 -6.12
C ARG A 46 6.26 7.06 -5.61
N ASN A 47 7.11 6.39 -6.39
CA ASN A 47 7.63 5.11 -5.93
C ASN A 47 8.46 5.28 -4.67
N LEU A 48 9.27 6.34 -4.57
CA LEU A 48 10.04 6.52 -3.34
C LEU A 48 9.14 6.72 -2.15
N LEU A 49 8.07 7.51 -2.30
CA LEU A 49 7.13 7.72 -1.21
C LEU A 49 6.50 6.40 -0.78
N SER A 50 6.04 5.61 -1.75
CA SER A 50 5.36 4.37 -1.44
C SER A 50 6.29 3.35 -0.82
N VAL A 51 7.50 3.22 -1.37
CA VAL A 51 8.46 2.25 -0.82
C VAL A 51 8.79 2.58 0.61
N ALA A 52 9.01 3.85 0.90
CA ALA A 52 9.41 4.25 2.24
C ALA A 52 8.33 3.86 3.24
N TYR A 53 7.10 4.29 3.01
CA TYR A 53 6.04 4.02 3.97
C TYR A 53 5.65 2.56 4.00
N LYS A 54 5.74 1.84 2.87
CA LYS A 54 5.39 0.43 2.90
C LYS A 54 6.33 -0.31 3.80
N ASN A 55 7.62 0.04 3.77
CA ASN A 55 8.59 -0.64 4.63
C ASN A 55 8.40 -0.26 6.09
N VAL A 56 8.14 1.02 6.39
CA VAL A 56 7.91 1.42 7.79
C VAL A 56 6.71 0.68 8.35
N VAL A 57 5.58 0.78 7.66
N VAL A 57 5.55 0.79 7.68
CA VAL A 57 4.37 0.15 8.18
CA VAL A 57 4.36 0.13 8.19
C VAL A 57 4.46 -1.37 8.12
C VAL A 57 4.51 -1.38 8.16
N GLY A 58 5.22 -1.93 7.17
CA GLY A 58 5.39 -3.37 7.13
C GLY A 58 6.09 -3.90 8.36
N GLY A 59 7.09 -3.18 8.85
CA GLY A 59 7.73 -3.60 10.09
C GLY A 59 6.81 -3.46 11.29
N GLN A 60 6.02 -2.38 11.33
CA GLN A 60 5.07 -2.22 12.42
C GLN A 60 4.03 -3.31 12.41
N ARG A 61 3.53 -3.68 11.22
CA ARG A 61 2.51 -4.72 11.15
C ARG A 61 3.09 -6.06 11.60
N ALA A 62 4.32 -6.37 11.20
CA ALA A 62 4.92 -7.63 11.64
C ALA A 62 5.05 -7.66 13.15
N ALA A 63 5.46 -6.55 13.76
CA ALA A 63 5.59 -6.51 15.22
C ALA A 63 4.24 -6.61 15.90
N TRP A 64 3.24 -5.92 15.36
CA TRP A 64 1.90 -5.99 15.92
C TRP A 64 1.38 -7.42 15.88
N ARG A 65 1.67 -8.15 14.80
N ARG A 65 1.67 -8.15 14.79
CA ARG A 65 1.18 -9.53 14.72
CA ARG A 65 1.18 -9.52 14.71
C ARG A 65 1.87 -10.43 15.73
C ARG A 65 1.86 -10.41 15.74
N VAL A 66 3.16 -10.22 15.96
CA VAL A 66 3.85 -11.00 16.99
C VAL A 66 3.23 -10.74 18.36
N LEU A 67 3.02 -9.47 18.68
CA LEU A 67 2.46 -9.12 19.99
C LEU A 67 1.01 -9.54 20.12
N SER A 68 0.21 -9.39 19.06
CA SER A 68 -1.19 -9.81 19.13
C SER A 68 -1.29 -11.32 19.36
N SER A 69 -0.39 -12.09 18.75
CA SER A 69 -0.39 -13.53 18.96
C SER A 69 -0.05 -13.87 20.41
N ILE A 70 0.95 -13.19 20.98
CA ILE A 70 1.31 -13.44 22.39
C ILE A 70 0.15 -13.08 23.30
N GLU A 71 -0.50 -11.96 23.02
CA GLU A 71 -1.63 -11.49 23.83
C GLU A 71 -2.79 -12.48 23.78
N GLN A 72 -3.08 -13.01 22.60
CA GLN A 72 -4.17 -13.96 22.49
C GLN A 72 -3.87 -15.25 23.24
N LYS A 73 -2.62 -15.71 23.20
CA LYS A 73 -2.26 -16.89 23.98
C LYS A 73 -2.34 -16.60 25.48
N SER A 74 -1.97 -15.38 25.89
CA SER A 74 -2.09 -15.01 27.30
C SER A 74 -3.55 -14.98 27.76
N ASN A 75 -4.49 -14.81 26.84
CA ASN A 75 -5.92 -14.74 27.15
C ASN A 75 -6.65 -16.03 26.82
N GLU A 76 -6.03 -17.20 27.06
CA GLU A 76 -6.72 -18.47 26.80
C GLU A 76 -6.58 -19.44 27.97
N GLY A 83 -0.27 -10.02 33.67
CA GLY A 83 -0.25 -8.59 33.87
C GLY A 83 -0.66 -7.81 32.63
N PRO A 84 -0.69 -6.48 32.74
CA PRO A 84 -1.14 -5.65 31.62
C PRO A 84 -0.09 -5.42 30.54
N GLU A 85 1.12 -5.98 30.69
CA GLU A 85 2.26 -5.53 29.89
C GLU A 85 2.12 -5.88 28.41
N VAL A 86 1.67 -7.10 28.08
CA VAL A 86 1.58 -7.47 26.66
C VAL A 86 0.54 -6.60 25.96
N ARG A 87 -0.62 -6.41 26.60
CA ARG A 87 -1.64 -5.54 26.03
C ARG A 87 -1.13 -4.12 25.89
N GLU A 88 -0.48 -3.59 26.93
CA GLU A 88 0.03 -2.23 26.88
C GLU A 88 1.01 -2.06 25.72
N TYR A 89 1.90 -3.03 25.55
CA TYR A 89 2.91 -2.87 24.51
C TYR A 89 2.33 -3.07 23.12
N ARG A 90 1.39 -4.02 22.98
CA ARG A 90 0.67 -4.15 21.71
C ARG A 90 -0.05 -2.86 21.37
N GLU A 91 -0.68 -2.23 22.38
CA GLU A 91 -1.36 -0.95 22.16
C GLU A 91 -0.38 0.13 21.74
N LYS A 92 0.83 0.14 22.32
CA LYS A 92 1.81 1.15 21.94
C LYS A 92 2.19 1.01 20.47
N VAL A 93 2.50 -0.21 20.06
CA VAL A 93 2.86 -0.47 18.66
C VAL A 93 1.67 -0.14 17.76
N GLU A 94 0.46 -0.52 18.17
CA GLU A 94 -0.74 -0.25 17.38
C GLU A 94 -0.92 1.25 17.17
N THR A 95 -0.73 2.04 18.22
CA THR A 95 -0.92 3.48 18.11
C THR A 95 0.12 4.08 17.18
N GLU A 96 1.35 3.58 17.21
N GLU A 96 1.35 3.58 17.24
CA GLU A 96 2.39 4.09 16.32
CA GLU A 96 2.40 4.07 16.34
C GLU A 96 2.10 3.72 14.88
C GLU A 96 2.05 3.74 14.89
N LEU A 97 1.63 2.50 14.65
CA LEU A 97 1.20 2.09 13.31
C LEU A 97 0.07 2.97 12.81
N GLN A 98 -0.95 3.21 13.64
CA GLN A 98 -2.07 4.04 13.22
C GLN A 98 -1.59 5.45 12.89
N GLY A 99 -0.60 5.93 13.63
CA GLY A 99 -0.10 7.27 13.36
C GLY A 99 0.59 7.36 12.02
N VAL A 100 1.35 6.33 11.64
CA VAL A 100 1.99 6.30 10.32
C VAL A 100 0.94 6.24 9.22
N CYS A 101 -0.07 5.37 9.38
CA CYS A 101 -1.14 5.31 8.37
C CYS A 101 -1.84 6.65 8.24
N ASP A 102 -2.17 7.31 9.36
CA ASP A 102 -2.82 8.61 9.31
C ASP A 102 -1.94 9.64 8.64
N THR A 103 -0.62 9.56 8.85
CA THR A 103 0.29 10.50 8.19
C THR A 103 0.24 10.32 6.68
N VAL A 104 0.33 9.07 6.21
CA VAL A 104 0.27 8.83 4.76
C VAL A 104 -1.07 9.30 4.20
N LEU A 105 -2.17 8.90 4.86
CA LEU A 105 -3.49 9.31 4.39
C LEU A 105 -3.62 10.82 4.35
N GLY A 106 -2.98 11.50 5.31
CA GLY A 106 -3.03 12.95 5.32
C GLY A 106 -2.28 13.56 4.15
N LEU A 107 -1.15 12.98 3.76
CA LEU A 107 -0.46 13.47 2.58
C LEU A 107 -1.30 13.25 1.33
N LEU A 108 -1.96 12.10 1.23
CA LEU A 108 -2.78 11.84 0.07
C LEU A 108 -3.95 12.82 0.00
N ASP A 109 -4.51 13.18 1.15
CA ASP A 109 -5.63 14.11 1.20
C ASP A 109 -5.19 15.57 1.11
N SER A 110 -3.93 15.88 1.38
CA SER A 110 -3.45 17.28 1.42
C SER A 110 -2.06 17.35 0.78
N HIS A 111 -1.98 17.30 -0.55
CA HIS A 111 -3.12 17.40 -1.49
C HIS A 111 -2.83 16.54 -2.71
N LEU A 112 -2.22 15.38 -2.51
CA LEU A 112 -1.73 14.60 -3.65
C LEU A 112 -2.86 14.14 -4.56
N ILE A 113 -3.94 13.59 -3.99
CA ILE A 113 -4.99 13.03 -4.84
C ILE A 113 -5.68 14.13 -5.63
N LYS A 114 -6.04 15.24 -4.98
CA LYS A 114 -6.82 16.24 -5.69
C LYS A 114 -6.04 16.86 -6.83
N GLU A 115 -4.71 16.88 -6.77
CA GLU A 115 -3.93 17.44 -7.86
C GLU A 115 -3.58 16.42 -8.93
N ALA A 116 -3.90 15.14 -8.72
CA ALA A 116 -3.49 14.07 -9.63
C ALA A 116 -4.55 13.91 -10.71
N GLY A 117 -4.22 14.32 -11.92
CA GLY A 117 -5.16 14.30 -13.03
C GLY A 117 -4.89 13.19 -14.01
N ASP A 118 -3.63 12.81 -14.18
CA ASP A 118 -3.35 11.70 -15.06
C ASP A 118 -3.75 10.39 -14.40
N ALA A 119 -4.15 9.42 -15.23
CA ALA A 119 -4.58 8.16 -14.68
C ALA A 119 -3.48 7.48 -13.87
N GLU A 120 -2.23 7.55 -14.34
CA GLU A 120 -1.16 6.85 -13.64
C GLU A 120 -0.98 7.39 -12.22
N SER A 121 -1.02 8.70 -12.06
N SER A 121 -1.00 8.71 -12.07
CA SER A 121 -0.83 9.24 -10.72
CA SER A 121 -0.85 9.31 -10.75
C SER A 121 -2.08 9.04 -9.86
C SER A 121 -2.07 9.02 -9.87
N ARG A 122 -3.27 9.25 -10.41
CA ARG A 122 -4.48 9.13 -9.62
C ARG A 122 -4.69 7.69 -9.14
N VAL A 123 -4.50 6.71 -10.04
CA VAL A 123 -4.62 5.31 -9.64
C VAL A 123 -3.58 4.97 -8.58
N PHE A 124 -2.33 5.42 -8.76
CA PHE A 124 -1.29 5.11 -7.78
C PHE A 124 -1.69 5.60 -6.39
N TYR A 125 -2.16 6.85 -6.30
CA TYR A 125 -2.49 7.41 -4.99
C TYR A 125 -3.73 6.77 -4.39
N LEU A 126 -4.74 6.43 -5.22
CA LEU A 126 -5.92 5.78 -4.69
C LEU A 126 -5.61 4.35 -4.21
N LYS A 127 -4.70 3.67 -4.90
CA LYS A 127 -4.25 2.36 -4.41
C LYS A 127 -3.59 2.52 -3.05
N MET A 128 -2.72 3.53 -2.90
CA MET A 128 -2.12 3.79 -1.60
C MET A 128 -3.19 4.05 -0.54
N LYS A 129 -4.20 4.87 -0.88
CA LYS A 129 -5.25 5.16 0.09
C LYS A 129 -5.96 3.89 0.52
N GLY A 130 -6.27 3.01 -0.44
CA GLY A 130 -6.86 1.70 -0.08
C GLY A 130 -5.95 0.90 0.84
N ASP A 131 -4.67 0.85 0.51
CA ASP A 131 -3.73 0.07 1.30
C ASP A 131 -3.64 0.57 2.73
N TYR A 132 -3.54 1.89 2.94
CA TYR A 132 -3.36 2.39 4.32
C TYR A 132 -4.63 2.29 5.13
N TYR A 133 -5.81 2.45 4.51
CA TYR A 133 -7.03 2.10 5.23
C TYR A 133 -7.09 0.60 5.52
N ARG A 134 -6.58 -0.24 4.61
CA ARG A 134 -6.55 -1.67 4.89
C ARG A 134 -5.69 -1.98 6.10
N TYR A 135 -4.53 -1.32 6.21
CA TYR A 135 -3.70 -1.54 7.39
C TYR A 135 -4.39 -1.05 8.66
N LEU A 136 -5.09 0.09 8.59
CA LEU A 136 -5.91 0.49 9.76
C LEU A 136 -6.96 -0.55 10.07
N ALA A 137 -7.58 -1.16 9.04
CA ALA A 137 -8.61 -2.15 9.29
C ALA A 137 -8.07 -3.40 9.97
N GLU A 138 -6.82 -3.77 9.68
CA GLU A 138 -6.24 -4.97 10.27
C GLU A 138 -6.20 -4.91 11.79
N VAL A 139 -6.10 -3.71 12.36
CA VAL A 139 -6.02 -3.51 13.82
C VAL A 139 -7.28 -2.94 14.41
N ALA A 140 -8.29 -2.66 13.60
CA ALA A 140 -9.51 -2.04 14.10
C ALA A 140 -10.44 -3.10 14.69
N THR A 141 -11.21 -2.68 15.71
CA THR A 141 -12.08 -3.61 16.47
C THR A 141 -13.49 -3.03 16.66
N GLY A 142 -14.36 -3.31 15.69
CA GLY A 142 -15.81 -3.08 15.80
C GLY A 142 -16.39 -1.68 15.67
N ASP A 143 -15.76 -0.68 16.28
CA ASP A 143 -16.41 0.63 16.43
C ASP A 143 -16.50 1.38 15.10
N ASP A 144 -15.38 1.91 14.62
CA ASP A 144 -15.26 2.41 13.26
C ASP A 144 -14.60 1.38 12.35
N LYS A 145 -14.50 0.13 12.80
CA LYS A 145 -13.97 -0.92 11.95
C LYS A 145 -14.73 -1.01 10.64
N LYS A 146 -16.06 -0.95 10.70
CA LYS A 146 -16.85 -0.99 9.47
C LYS A 146 -16.56 0.21 8.60
N ARG A 147 -16.44 1.39 9.21
CA ARG A 147 -16.24 2.60 8.40
C ARG A 147 -14.85 2.59 7.78
N ILE A 148 -13.85 2.08 8.50
CA ILE A 148 -12.52 2.00 7.94
C ILE A 148 -12.50 1.04 6.75
N ILE A 149 -13.15 -0.11 6.88
CA ILE A 149 -13.27 -1.05 5.79
C ILE A 149 -13.94 -0.40 4.58
N ASP A 150 -15.00 0.36 4.81
CA ASP A 150 -15.65 1.00 3.67
C ASP A 150 -14.76 2.04 3.01
N SER A 151 -13.95 2.75 3.79
CA SER A 151 -13.04 3.72 3.20
C SER A 151 -12.01 3.03 2.32
N ALA A 152 -11.50 1.87 2.78
CA ALA A 152 -10.55 1.13 1.94
C ALA A 152 -11.23 0.69 0.66
N ARG A 153 -12.42 0.09 0.80
N ARG A 153 -12.42 0.09 0.79
CA ARG A 153 -13.14 -0.41 -0.37
CA ARG A 153 -13.14 -0.41 -0.37
C ARG A 153 -13.39 0.70 -1.37
C ARG A 153 -13.39 0.70 -1.37
N SER A 154 -13.82 1.86 -0.89
CA SER A 154 -14.17 2.95 -1.79
C SER A 154 -12.94 3.45 -2.56
N ALA A 155 -11.79 3.57 -1.88
CA ALA A 155 -10.58 4.00 -2.56
C ALA A 155 -10.14 2.99 -3.61
N TYR A 156 -10.11 1.70 -3.24
CA TYR A 156 -9.74 0.66 -4.21
C TYR A 156 -10.70 0.64 -5.39
N GLN A 157 -12.00 0.82 -5.14
CA GLN A 157 -12.98 0.75 -6.22
C GLN A 157 -12.81 1.90 -7.19
N GLU A 158 -12.60 3.12 -6.68
CA GLU A 158 -12.36 4.23 -7.60
C GLU A 158 -11.10 3.99 -8.43
N ALA A 159 -10.04 3.50 -7.80
CA ALA A 159 -8.83 3.18 -8.54
C ALA A 159 -9.07 2.11 -9.59
N MET A 160 -9.85 1.08 -9.25
CA MET A 160 -10.15 0.03 -10.22
C MET A 160 -10.93 0.60 -11.40
N ASP A 161 -11.93 1.45 -11.12
CA ASP A 161 -12.73 1.99 -12.21
C ASP A 161 -11.86 2.78 -13.19
N ILE A 162 -10.96 3.63 -12.66
CA ILE A 162 -10.08 4.40 -13.54
C ILE A 162 -9.14 3.49 -14.29
N SER A 163 -8.56 2.48 -13.59
CA SER A 163 -7.53 1.65 -14.21
C SER A 163 -8.11 0.83 -15.35
N LYS A 164 -9.35 0.37 -15.20
CA LYS A 164 -9.95 -0.43 -16.27
C LYS A 164 -10.26 0.41 -17.49
N LYS A 165 -10.56 1.70 -17.29
CA LYS A 165 -10.84 2.59 -18.43
C LYS A 165 -9.58 3.14 -19.08
N GLU A 166 -8.48 3.33 -18.32
CA GLU A 166 -7.36 4.11 -18.80
C GLU A 166 -6.05 3.36 -18.94
N MET A 167 -5.93 2.15 -18.43
CA MET A 167 -4.66 1.44 -18.49
C MET A 167 -4.86 0.08 -19.12
N PRO A 168 -3.84 -0.45 -19.80
CA PRO A 168 -3.93 -1.81 -20.33
C PRO A 168 -3.93 -2.81 -19.19
N PRO A 169 -4.45 -4.02 -19.45
CA PRO A 169 -4.54 -5.02 -18.39
C PRO A 169 -3.21 -5.49 -17.87
N THR A 170 -2.10 -5.24 -18.57
CA THR A 170 -0.79 -5.61 -18.07
C THR A 170 -0.07 -4.50 -17.33
N ASN A 171 -0.68 -3.32 -17.19
CA ASN A 171 0.05 -2.24 -16.53
C ASN A 171 0.40 -2.65 -15.09
N PRO A 172 1.66 -2.49 -14.65
CA PRO A 172 2.02 -2.98 -13.32
C PRO A 172 1.24 -2.38 -12.17
N ILE A 173 0.87 -1.10 -12.24
CA ILE A 173 0.07 -0.51 -11.17
C ILE A 173 -1.35 -1.07 -11.20
N ARG A 174 -1.92 -1.25 -12.39
CA ARG A 174 -3.23 -1.90 -12.49
C ARG A 174 -3.19 -3.31 -11.92
N LEU A 175 -2.13 -4.06 -12.22
CA LEU A 175 -1.98 -5.40 -11.68
C LEU A 175 -1.81 -5.41 -10.17
N GLY A 176 -0.95 -4.53 -9.63
CA GLY A 176 -0.74 -4.51 -8.20
C GLY A 176 -1.96 -4.02 -7.44
N LEU A 177 -2.69 -3.07 -8.03
CA LEU A 177 -3.97 -2.66 -7.45
C LEU A 177 -4.92 -3.84 -7.34
N ALA A 178 -5.06 -4.62 -8.42
CA ALA A 178 -5.96 -5.76 -8.38
C ALA A 178 -5.49 -6.79 -7.36
N LEU A 179 -4.17 -7.04 -7.32
CA LEU A 179 -3.64 -7.97 -6.33
C LEU A 179 -4.02 -7.52 -4.91
N ASN A 180 -3.77 -6.24 -4.61
CA ASN A 180 -3.99 -5.78 -3.24
C ASN A 180 -5.48 -5.71 -2.91
N PHE A 181 -6.32 -5.35 -3.90
CA PHE A 181 -7.76 -5.36 -3.65
C PHE A 181 -8.25 -6.78 -3.42
N SER A 182 -7.67 -7.77 -4.14
CA SER A 182 -8.04 -9.16 -3.88
C SER A 182 -7.66 -9.58 -2.47
N VAL A 183 -6.49 -9.15 -1.98
CA VAL A 183 -6.11 -9.42 -0.59
C VAL A 183 -7.08 -8.76 0.39
N PHE A 184 -7.47 -7.51 0.11
CA PHE A 184 -8.52 -6.86 0.89
C PHE A 184 -9.78 -7.74 0.95
N HIS A 185 -10.26 -8.23 -0.20
CA HIS A 185 -11.47 -9.04 -0.17
C HIS A 185 -11.28 -10.29 0.68
N TYR A 186 -10.13 -10.94 0.55
CA TYR A 186 -9.91 -12.22 1.23
C TYR A 186 -9.71 -12.02 2.73
N GLU A 187 -8.86 -11.07 3.11
CA GLU A 187 -8.38 -10.96 4.47
C GLU A 187 -9.17 -10.00 5.33
N ILE A 188 -9.81 -9.00 4.74
CA ILE A 188 -10.49 -7.93 5.47
C ILE A 188 -12.00 -8.03 5.34
N ALA A 189 -12.50 -8.16 4.10
CA ALA A 189 -13.93 -8.09 3.84
C ALA A 189 -14.62 -9.44 3.94
N ASN A 190 -13.90 -10.51 4.28
CA ASN A 190 -14.50 -11.83 4.42
C ASN A 190 -15.24 -12.24 3.15
N SER A 191 -14.62 -11.95 2.01
CA SER A 191 -15.21 -12.25 0.69
C SER A 191 -14.22 -13.05 -0.13
N PRO A 192 -13.90 -14.28 0.30
CA PRO A 192 -12.90 -15.07 -0.46
C PRO A 192 -13.31 -15.36 -1.90
N GLU A 193 -14.60 -15.55 -2.18
CA GLU A 193 -14.99 -15.78 -3.57
C GLU A 193 -14.73 -14.56 -4.45
N GLU A 194 -14.97 -13.36 -3.93
CA GLU A 194 -14.68 -12.14 -4.68
C GLU A 194 -13.17 -12.00 -4.90
N ALA A 195 -12.38 -12.37 -3.90
CA ALA A 195 -10.91 -12.34 -4.02
C ALA A 195 -10.43 -13.26 -5.13
N ILE A 196 -10.94 -14.50 -5.14
CA ILE A 196 -10.54 -15.47 -6.14
C ILE A 196 -10.99 -15.02 -7.52
N SER A 197 -12.23 -14.55 -7.66
N SER A 197 -12.22 -14.54 -7.65
CA SER A 197 -12.72 -14.10 -8.95
CA SER A 197 -12.72 -14.10 -8.95
C SER A 197 -11.87 -12.95 -9.48
C SER A 197 -11.91 -12.92 -9.49
N LEU A 198 -11.57 -11.97 -8.63
CA LEU A 198 -10.76 -10.83 -9.08
C LEU A 198 -9.38 -11.27 -9.49
N ALA A 199 -8.73 -12.13 -8.71
CA ALA A 199 -7.38 -12.55 -9.08
C ALA A 199 -7.39 -13.33 -10.39
N LYS A 200 -8.38 -14.21 -10.58
CA LYS A 200 -8.44 -15.01 -11.82
C LYS A 200 -8.70 -14.14 -13.03
N THR A 201 -9.71 -13.27 -12.97
CA THR A 201 -9.99 -12.40 -14.10
C THR A 201 -8.79 -11.50 -14.42
N THR A 202 -8.15 -10.94 -13.39
CA THR A 202 -7.01 -10.08 -13.62
C THR A 202 -5.89 -10.86 -14.30
N PHE A 203 -5.60 -12.06 -13.80
CA PHE A 203 -4.54 -12.87 -14.39
C PHE A 203 -4.84 -13.19 -15.85
N ASP A 204 -6.06 -13.62 -16.13
CA ASP A 204 -6.42 -14.05 -17.48
C ASP A 204 -6.40 -12.88 -18.47
N GLU A 205 -6.86 -11.71 -18.06
CA GLU A 205 -6.85 -10.58 -18.98
C GLU A 205 -5.44 -10.08 -19.21
N ALA A 206 -4.56 -10.18 -18.21
CA ALA A 206 -3.16 -9.83 -18.42
C ALA A 206 -2.50 -10.81 -19.38
N MET A 207 -2.72 -12.12 -19.18
CA MET A 207 -2.13 -13.12 -20.06
C MET A 207 -2.44 -12.81 -21.52
N ALA A 208 -3.68 -12.43 -21.81
CA ALA A 208 -4.12 -12.17 -23.18
C ALA A 208 -3.51 -10.91 -23.77
N ASP A 209 -2.89 -10.05 -22.95
CA ASP A 209 -2.30 -8.80 -23.41
C ASP A 209 -0.78 -8.85 -23.43
N LEU A 210 -0.16 -9.94 -22.97
CA LEU A 210 1.30 -10.02 -22.93
C LEU A 210 1.93 -9.89 -24.31
N HIS A 211 1.23 -10.31 -25.36
CA HIS A 211 1.81 -10.29 -26.69
C HIS A 211 2.17 -8.88 -27.15
N THR A 212 1.58 -7.85 -26.55
CA THR A 212 1.80 -6.47 -26.96
C THR A 212 3.06 -5.88 -26.37
N LEU A 213 3.72 -6.58 -25.45
CA LEU A 213 4.76 -6.01 -24.61
C LEU A 213 6.16 -6.29 -25.13
N SER A 214 7.06 -5.36 -24.82
CA SER A 214 8.50 -5.58 -24.97
C SER A 214 8.98 -6.60 -23.94
N GLU A 215 10.23 -7.05 -24.12
CA GLU A 215 10.82 -8.00 -23.18
C GLU A 215 10.84 -7.45 -21.76
N ASP A 216 11.20 -6.17 -21.59
CA ASP A 216 11.30 -5.62 -20.25
C ASP A 216 9.92 -5.45 -19.62
N SER A 217 8.95 -4.97 -20.38
CA SER A 217 7.59 -4.84 -19.85
C SER A 217 6.98 -6.21 -19.56
N TYR A 218 7.27 -7.19 -20.41
CA TYR A 218 6.84 -8.57 -20.16
C TYR A 218 7.34 -9.06 -18.81
N LYS A 219 8.62 -8.80 -18.51
CA LYS A 219 9.16 -9.22 -17.22
C LYS A 219 8.44 -8.53 -16.07
N ASP A 220 8.19 -7.23 -16.20
CA ASP A 220 7.50 -6.50 -15.14
C ASP A 220 6.12 -7.06 -14.89
N SER A 221 5.34 -7.29 -15.96
CA SER A 221 3.97 -7.75 -15.80
C SER A 221 3.90 -9.19 -15.30
N THR A 222 4.73 -10.08 -15.86
CA THR A 222 4.65 -11.47 -15.43
C THR A 222 5.07 -11.64 -13.97
N LEU A 223 5.92 -10.76 -13.45
CA LEU A 223 6.31 -10.89 -12.05
C LEU A 223 5.10 -10.70 -11.13
N ILE A 224 4.24 -9.74 -11.44
CA ILE A 224 3.05 -9.52 -10.61
C ILE A 224 2.01 -10.59 -10.87
N MET A 225 1.92 -11.06 -12.11
CA MET A 225 0.99 -12.15 -12.40
C MET A 225 1.31 -13.38 -11.56
N GLN A 226 2.60 -13.64 -11.34
CA GLN A 226 2.97 -14.78 -10.53
C GLN A 226 2.49 -14.64 -9.09
N LEU A 227 2.47 -13.40 -8.57
CA LEU A 227 1.90 -13.18 -7.23
C LEU A 227 0.40 -13.48 -7.22
N LEU A 228 -0.34 -13.06 -8.26
CA LEU A 228 -1.74 -13.42 -8.35
C LEU A 228 -1.90 -14.94 -8.34
N ARG A 229 -1.07 -15.64 -9.13
CA ARG A 229 -1.14 -17.09 -9.19
C ARG A 229 -0.81 -17.72 -7.84
N ASP A 230 0.20 -17.19 -7.16
CA ASP A 230 0.56 -17.72 -5.84
C ASP A 230 -0.60 -17.62 -4.88
N ASN A 231 -1.33 -16.50 -4.90
CA ASN A 231 -2.49 -16.38 -4.03
C ASN A 231 -3.58 -17.35 -4.43
N LEU A 232 -3.86 -17.46 -5.73
CA LEU A 232 -4.89 -18.40 -6.15
C LEU A 232 -4.55 -19.82 -5.71
N THR A 233 -3.27 -20.18 -5.76
CA THR A 233 -2.87 -21.52 -5.32
C THR A 233 -3.10 -21.70 -3.83
N LEU A 234 -2.85 -20.66 -3.04
CA LEU A 234 -3.10 -20.74 -1.60
C LEU A 234 -4.60 -20.75 -1.29
N TRP A 235 -5.42 -20.09 -2.10
CA TRP A 235 -6.84 -19.93 -1.81
C TRP A 235 -7.71 -21.03 -2.40
N THR A 236 -7.16 -21.87 -3.27
CA THR A 236 -7.97 -22.88 -3.93
C THR A 236 -7.35 -24.26 -3.80
N ALA B 5 -1.90 -14.88 2.22
CA ALA B 5 -2.08 -14.08 1.00
C ALA B 5 -1.01 -12.99 0.92
N GLY B 6 -0.36 -12.90 -0.25
CA GLY B 6 0.66 -11.89 -0.47
C GLY B 6 0.17 -10.68 -1.23
N SEP B 7 0.45 -9.50 -0.68
CA SEP B 7 0.22 -8.24 -1.38
CB SEP B 7 -0.20 -7.16 -0.36
OG SEP B 7 0.86 -7.06 0.58
C SEP B 7 1.52 -7.82 -2.09
O SEP B 7 2.53 -8.54 -2.01
P SEP B 7 0.54 -6.17 1.88
O1P SEP B 7 -0.60 -6.86 2.73
O2P SEP B 7 1.93 -6.17 2.65
O3P SEP B 7 0.15 -4.75 1.41
N ILE B 8 1.51 -6.69 -2.79
CA ILE B 8 2.74 -6.17 -3.39
C ILE B 8 3.82 -6.03 -2.30
N PRO B 9 5.01 -6.58 -2.52
CA PRO B 9 6.05 -6.47 -1.49
C PRO B 9 6.76 -5.12 -1.48
N GLY B 10 7.48 -4.88 -0.38
CA GLY B 10 8.37 -3.73 -0.31
C GLY B 10 9.60 -3.90 -1.17
N ARG B 11 10.24 -2.77 -1.52
CA ARG B 11 11.28 -2.83 -2.56
C ARG B 11 12.53 -3.59 -2.09
N ARG B 12 13.44 -3.80 -3.04
CA ARG B 12 14.71 -4.46 -2.77
C ARG B 12 15.87 -3.47 -2.96
C01 P7T C . 6.25 -7.63 -7.81
C02 P7T C . 7.09 -6.35 -7.86
C03 P7T C . 6.18 -5.21 -8.32
C07 P7T C . 4.79 -2.18 -8.42
C08 P7T C . 3.55 -2.61 -8.86
C09 P7T C . 2.44 -2.21 -8.14
C10 P7T C . 2.62 -1.39 -7.03
C11 P7T C . 3.87 -0.96 -6.62
C12 P7T C . 4.96 -1.38 -7.33
C13 P7T C . 1.44 -0.94 -6.21
C15 P7T C . 7.56 -3.71 -7.10
C16 P7T C . 8.37 -4.90 -6.58
C18 P7T C . 8.79 -4.59 -5.14
N04 P7T C . 6.96 -3.97 -8.41
O06 P7T C . 7.19 -1.54 -9.35
O14 P7T C . 5.95 -3.07 -10.64
O17 P7T C . 7.63 -6.07 -6.61
S05 P7T C . 6.28 -2.69 -9.29
#